data_9E7T
#
_entry.id   9E7T
#
_cell.length_a   1.00
_cell.length_b   1.00
_cell.length_c   1.00
_cell.angle_alpha   90.00
_cell.angle_beta   90.00
_cell.angle_gamma   90.00
#
_symmetry.space_group_name_H-M   'P 1'
#
loop_
_entity.id
_entity.type
_entity.pdbx_description
1 polymer 'Dot/Icm T4SS effector PieF'
2 polymer 'CCR4-NOT transcription complex subunit 1'
3 polymer 'SDH7p Mitochondrial protein involved in assembly of succinate dehydrogenase,CCR4-NOT transcription complex subunit 7'
4 non-polymer 'MAGNESIUM ION'
5 water water
#
loop_
_entity_poly.entity_id
_entity_poly.type
_entity_poly.pdbx_seq_one_letter_code
_entity_poly.pdbx_strand_id
1 'polypeptide(L)'
;MGSSHHHHHHSSGTGSGENLYFQGHMKRLIICNGNKLTVCTQAISSGGIVEKYTPIFSLTKESDNELTLELSGVARGYYI
IPSELTSSQARAAHLITLLTRAEESQTTDMHKILNSFVSGKITSGSMFNFENDGSFKREPEEAYNLINKI
;
A
2 'polypeptide(L)'
;MGSSHHHHHHSSGTGSGLEVLFQGPHMLEENIQEKIAFIFNNLSQSNMTQKVEELKETVKEEFMPWVSQYLVMKRVSIEP
NFHSLYSNFLDTLKNPEFNKMVLNETYRNIKVLLTSDKAAANFSDRSLLKNLGHWLGMITLAKNKPILHTDLDVKSLLLE
AYVKGQQELLYVVPFVAKVLESSIRSVVFRPPNPWTMAIMNVLAELHQEHDLKLNLKFEIEVLCKNLALDINELKPGNLL
KDKDRLKNLDEQLS
;
B
3 'polypeptide(L)'
;MGSSHHHHHHSSGLVPRGSHMSDSEVNQEAKPEVKPEVKPETHINLKVSDGSSEIFFKIKKTTPLRRLMEAFAKRQGKEM
DSLRFLYDGIRIQADQTPEDLDMEDNDIIEAHREQTGGSENLYFQGMPAATVDHSQRICEVWACNLDEEMKKIRQVIRKY
NYVAMDTEFPGVVARPIGEFRSNADYQYQLLRCNVDLLKIIQLGLTFMNEQGEYPPGTSTWQFNFKFNLTEDMYAQDSIE
LLTTSGIQFKKHEEEGIETQYFAELLMTSGVVLCEGVKWLSFHSGYDFGYLIKILTNSNLPEEELDFFEILRLFFPVIYD
VKYLMKSCKNLKGGLQEVAEQLELERIGPQHQAGSDSLLTGMAFFKMREMFFEDHIDDAKYCGHLYGLGSGSSYVQNGTG
NAYEEEANKQS
;
C
#
loop_
_chem_comp.id
_chem_comp.type
_chem_comp.name
_chem_comp.formula
MG non-polymer 'MAGNESIUM ION' 'Mg 2'
#
# COMPACT_ATOMS: atom_id res chain seq x y z
N MET A 26 -18.77 30.88 19.60
CA MET A 26 -17.96 30.29 20.66
C MET A 26 -17.48 28.90 20.25
N LYS A 27 -16.20 28.80 19.87
CA LYS A 27 -15.66 27.58 19.31
C LYS A 27 -15.18 26.64 20.41
N ARG A 28 -14.80 25.43 20.01
CA ARG A 28 -14.30 24.41 20.92
C ARG A 28 -13.01 23.83 20.37
N LEU A 29 -12.33 23.04 21.21
CA LEU A 29 -11.02 22.51 20.86
C LEU A 29 -10.80 21.18 21.58
N ILE A 30 -10.11 20.27 20.91
CA ILE A 30 -9.75 18.97 21.49
C ILE A 30 -8.27 18.73 21.23
N ILE A 31 -7.53 18.38 22.28
CA ILE A 31 -6.10 18.09 22.20
C ILE A 31 -5.89 16.64 22.62
N CYS A 32 -5.15 15.89 21.81
CA CYS A 32 -4.85 14.48 22.07
C CYS A 32 -3.34 14.34 22.25
N ASN A 33 -2.88 14.51 23.49
CA ASN A 33 -1.45 14.46 23.80
C ASN A 33 -1.09 13.09 24.37
N GLY A 34 -1.22 12.08 23.51
CA GLY A 34 -0.82 10.73 23.86
C GLY A 34 -1.93 9.91 24.49
N ASN A 35 -1.90 9.75 25.81
CA ASN A 35 -2.90 8.98 26.53
C ASN A 35 -4.02 9.84 27.08
N LYS A 36 -4.03 11.14 26.81
CA LYS A 36 -5.03 12.05 27.35
C LYS A 36 -5.71 12.80 26.22
N LEU A 37 -7.03 12.96 26.36
CA LEU A 37 -7.84 13.76 25.44
C LEU A 37 -8.51 14.85 26.27
N THR A 38 -8.17 16.10 26.01
CA THR A 38 -8.71 17.24 26.74
C THR A 38 -9.67 18.00 25.85
N VAL A 39 -10.84 18.35 26.39
CA VAL A 39 -11.85 19.11 25.69
C VAL A 39 -11.90 20.50 26.32
N CYS A 40 -11.72 21.53 25.49
CA CYS A 40 -11.66 22.91 25.96
C CYS A 40 -12.65 23.76 25.18
N THR A 41 -13.11 24.83 25.82
CA THR A 41 -13.99 25.80 25.22
C THR A 41 -13.31 27.16 25.12
N GLN A 42 -13.73 27.95 24.14
CA GLN A 42 -13.12 29.25 23.91
C GLN A 42 -13.40 30.20 25.07
N ALA A 43 -12.48 31.13 25.28
CA ALA A 43 -12.64 32.14 26.32
C ALA A 43 -11.69 33.32 26.08
N GLU A 51 -7.02 34.21 21.76
CA GLU A 51 -7.79 32.99 21.54
C GLU A 51 -7.49 31.96 22.61
N LYS A 52 -7.65 32.35 23.87
CA LYS A 52 -7.42 31.45 24.99
C LYS A 52 -8.55 30.45 25.12
N TYR A 53 -8.24 29.28 25.67
CA TYR A 53 -9.21 28.21 25.87
C TYR A 53 -9.11 27.70 27.30
N THR A 54 -10.25 27.33 27.87
CA THR A 54 -10.31 26.77 29.22
C THR A 54 -10.75 25.31 29.14
N PRO A 55 -9.98 24.39 29.71
CA PRO A 55 -10.38 22.97 29.65
C PRO A 55 -11.70 22.73 30.37
N ILE A 56 -12.46 21.77 29.85
CA ILE A 56 -13.72 21.34 30.45
C ILE A 56 -13.56 19.99 31.13
N PHE A 57 -13.06 18.99 30.42
CA PHE A 57 -12.79 17.69 30.99
C PHE A 57 -11.67 17.04 30.21
N SER A 58 -11.02 16.06 30.84
CA SER A 58 -9.96 15.28 30.21
C SER A 58 -10.25 13.81 30.38
N LEU A 59 -10.03 13.05 29.32
CA LEU A 59 -10.28 11.61 29.30
C LEU A 59 -8.92 10.90 29.23
N THR A 60 -8.46 10.42 30.38
CA THR A 60 -7.15 9.78 30.48
C THR A 60 -7.27 8.29 30.25
N LYS A 61 -6.43 7.76 29.37
CA LYS A 61 -6.34 6.33 29.13
C LYS A 61 -5.32 5.75 30.10
N GLU A 62 -5.78 4.97 31.07
CA GLU A 62 -4.91 4.44 32.11
C GLU A 62 -4.13 3.24 31.58
N SER A 63 -3.52 2.50 32.49
CA SER A 63 -2.52 1.49 32.15
C SER A 63 -3.02 0.46 31.16
N ASP A 64 -4.03 -0.33 31.52
CA ASP A 64 -4.47 -1.40 30.62
C ASP A 64 -5.44 -0.87 29.57
N ASN A 65 -6.65 -0.49 30.00
CA ASN A 65 -7.60 0.11 29.07
C ASN A 65 -8.50 1.17 29.72
N GLU A 66 -8.32 1.49 30.99
CA GLU A 66 -9.32 2.24 31.74
C GLU A 66 -9.29 3.71 31.33
N LEU A 67 -10.48 4.28 31.11
CA LEU A 67 -10.64 5.70 30.86
C LEU A 67 -11.07 6.38 32.16
N THR A 68 -10.43 7.49 32.49
CA THR A 68 -10.78 8.28 33.66
C THR A 68 -11.24 9.66 33.22
N LEU A 69 -12.40 10.08 33.72
CA LEU A 69 -12.93 11.41 33.46
C LEU A 69 -12.57 12.33 34.63
N GLU A 70 -11.97 13.46 34.32
CA GLU A 70 -11.58 14.44 35.33
C GLU A 70 -12.13 15.81 34.91
N LEU A 71 -13.26 16.19 35.50
CA LEU A 71 -13.85 17.48 35.17
C LEU A 71 -12.99 18.62 35.69
N SER A 72 -13.09 19.77 35.03
CA SER A 72 -12.28 20.93 35.34
C SER A 72 -12.83 21.62 36.58
N GLY A 73 -12.37 22.86 36.83
CA GLY A 73 -12.77 23.58 38.01
C GLY A 73 -14.27 23.81 38.11
N VAL A 74 -14.82 24.69 37.27
CA VAL A 74 -16.28 24.88 37.23
C VAL A 74 -16.79 23.94 36.14
N ALA A 75 -16.90 22.68 36.49
CA ALA A 75 -17.58 21.68 35.68
C ALA A 75 -18.52 20.81 36.50
N ARG A 76 -18.14 20.47 37.73
CA ARG A 76 -19.00 19.64 38.57
C ARG A 76 -20.19 20.43 39.11
N GLY A 77 -20.02 21.73 39.33
CA GLY A 77 -21.10 22.60 39.71
C GLY A 77 -21.90 23.16 38.56
N TYR A 78 -21.58 22.76 37.34
CA TYR A 78 -22.28 23.22 36.14
C TYR A 78 -23.06 22.11 35.45
N TYR A 79 -22.39 21.01 35.11
CA TYR A 79 -23.01 19.90 34.40
C TYR A 79 -23.39 18.80 35.38
N ILE A 80 -24.59 18.27 35.24
CA ILE A 80 -25.06 17.12 36.02
C ILE A 80 -25.15 15.93 35.09
N ILE A 81 -24.53 14.83 35.49
CA ILE A 81 -24.50 13.60 34.70
C ILE A 81 -25.52 12.64 35.29
N PRO A 82 -26.54 12.22 34.54
CA PRO A 82 -27.52 11.27 35.08
C PRO A 82 -26.87 9.95 35.44
N SER A 83 -27.45 9.27 36.42
CA SER A 83 -26.93 8.00 36.92
C SER A 83 -27.09 6.85 35.94
N GLU A 84 -27.84 7.04 34.85
CA GLU A 84 -27.99 5.97 33.87
C GLU A 84 -26.66 5.63 33.21
N LEU A 85 -25.84 6.64 32.92
CA LEU A 85 -24.53 6.43 32.31
C LEU A 85 -23.51 6.10 33.39
N THR A 86 -22.73 5.05 33.17
CA THR A 86 -21.71 4.62 34.11
C THR A 86 -20.31 4.65 33.54
N SER A 87 -20.13 4.21 32.29
CA SER A 87 -18.80 4.18 31.70
C SER A 87 -18.27 5.60 31.50
N SER A 88 -16.94 5.74 31.58
CA SER A 88 -16.32 7.04 31.43
C SER A 88 -16.49 7.59 30.02
N GLN A 89 -16.58 6.73 29.02
CA GLN A 89 -16.83 7.17 27.66
C GLN A 89 -18.27 7.60 27.45
N ALA A 90 -19.21 7.03 28.20
CA ALA A 90 -20.61 7.44 28.07
C ALA A 90 -20.84 8.82 28.67
N ARG A 91 -20.18 9.13 29.79
CA ARG A 91 -20.29 10.47 30.36
C ARG A 91 -19.50 11.49 29.58
N ALA A 92 -18.41 11.07 28.92
CA ALA A 92 -17.68 11.98 28.04
C ALA A 92 -18.52 12.35 26.82
N ALA A 93 -19.17 11.36 26.21
CA ALA A 93 -20.05 11.63 25.08
C ALA A 93 -21.32 12.36 25.50
N HIS A 94 -21.72 12.25 26.77
CA HIS A 94 -22.86 13.00 27.27
C HIS A 94 -22.52 14.45 27.51
N LEU A 95 -21.28 14.74 27.92
CA LEU A 95 -20.85 16.11 28.14
C LEU A 95 -20.64 16.84 26.81
N ILE A 96 -20.15 16.13 25.79
CA ILE A 96 -20.02 16.73 24.47
C ILE A 96 -21.39 17.08 23.91
N THR A 97 -22.39 16.22 24.15
CA THR A 97 -23.75 16.53 23.74
C THR A 97 -24.27 17.78 24.45
N LEU A 98 -23.98 17.90 25.75
CA LEU A 98 -24.36 19.10 26.48
C LEU A 98 -23.59 20.32 26.01
N LEU A 99 -22.31 20.13 25.66
CA LEU A 99 -21.49 21.24 25.20
C LEU A 99 -21.99 21.78 23.87
N THR A 100 -22.18 20.90 22.89
CA THR A 100 -22.55 21.28 21.55
C THR A 100 -24.05 21.43 21.35
N ARG A 101 -24.84 21.13 22.38
CA ARG A 101 -26.31 21.22 22.31
C ARG A 101 -26.87 20.36 21.18
N ALA A 102 -26.23 19.22 20.92
CA ALA A 102 -26.70 18.32 19.88
C ALA A 102 -27.94 17.56 20.37
N GLU A 103 -28.63 16.94 19.42
CA GLU A 103 -29.80 16.15 19.74
C GLU A 103 -29.40 14.89 20.52
N GLU A 104 -30.42 14.23 21.08
CA GLU A 104 -30.15 13.05 21.92
C GLU A 104 -29.47 11.96 21.12
N SER A 105 -29.92 11.72 19.89
CA SER A 105 -29.38 10.69 19.02
C SER A 105 -28.59 11.39 17.91
N GLN A 106 -27.32 11.64 18.17
CA GLN A 106 -26.45 12.28 17.18
C GLN A 106 -25.01 11.92 17.50
N THR A 107 -24.16 12.04 16.48
CA THR A 107 -22.71 11.90 16.63
C THR A 107 -22.10 13.06 15.86
N THR A 108 -21.65 14.08 16.58
CA THR A 108 -21.03 15.23 15.96
C THR A 108 -19.60 14.91 15.57
N ASP A 109 -18.90 15.88 15.00
CA ASP A 109 -17.48 15.70 14.71
C ASP A 109 -16.65 15.64 15.98
N MET A 110 -17.18 16.14 17.10
CA MET A 110 -16.52 16.01 18.39
C MET A 110 -16.66 14.59 18.93
N HIS A 111 -17.81 13.96 18.73
CA HIS A 111 -17.99 12.56 19.11
C HIS A 111 -17.08 11.65 18.29
N LYS A 112 -16.91 11.95 17.01
CA LYS A 112 -16.08 11.13 16.15
C LYS A 112 -14.63 11.13 16.61
N ILE A 113 -14.15 12.28 17.10
CA ILE A 113 -12.80 12.34 17.66
C ILE A 113 -12.73 11.56 18.97
N LEU A 114 -13.77 11.66 19.80
CA LEU A 114 -13.80 10.90 21.04
C LEU A 114 -13.85 9.40 20.76
N ASN A 115 -14.65 8.98 19.77
CA ASN A 115 -14.72 7.56 19.44
C ASN A 115 -13.42 7.05 18.84
N SER A 116 -12.67 7.92 18.15
CA SER A 116 -11.40 7.51 17.58
C SER A 116 -10.30 7.41 18.64
N PHE A 117 -10.32 8.31 19.62
CA PHE A 117 -9.33 8.26 20.69
C PHE A 117 -9.55 7.04 21.58
N VAL A 118 -10.80 6.73 21.91
CA VAL A 118 -11.09 5.61 22.80
C VAL A 118 -10.69 4.29 22.15
N SER A 119 -10.86 4.19 20.84
CA SER A 119 -10.41 3.02 20.10
C SER A 119 -8.93 3.09 19.70
N GLY A 120 -8.24 4.14 20.11
CA GLY A 120 -6.82 4.29 19.83
C GLY A 120 -6.46 4.52 18.37
N LYS A 121 -7.27 5.29 17.66
CA LYS A 121 -6.95 5.65 16.28
C LYS A 121 -6.10 6.92 16.18
N ILE A 122 -6.11 7.77 17.21
CA ILE A 122 -5.29 8.97 17.24
C ILE A 122 -4.00 8.61 17.98
N THR A 123 -2.93 8.39 17.22
CA THR A 123 -1.65 7.95 17.77
C THR A 123 -0.58 9.03 17.71
N SER A 124 -0.95 10.25 17.36
CA SER A 124 -0.01 11.36 17.29
C SER A 124 -0.62 12.59 17.93
N GLY A 125 0.24 13.47 18.43
CA GLY A 125 -0.23 14.69 19.07
C GLY A 125 -0.86 15.65 18.08
N SER A 126 -2.17 15.84 18.17
CA SER A 126 -2.90 16.68 17.23
C SER A 126 -3.97 17.48 17.95
N MET A 127 -4.31 18.63 17.37
CA MET A 127 -5.39 19.47 17.85
C MET A 127 -6.52 19.48 16.83
N PHE A 128 -7.75 19.51 17.33
CA PHE A 128 -8.94 19.56 16.50
C PHE A 128 -9.76 20.79 16.86
N ASN A 129 -10.10 21.59 15.87
CA ASN A 129 -10.86 22.81 16.06
C ASN A 129 -12.29 22.58 15.63
N PHE A 130 -13.23 23.00 16.48
CA PHE A 130 -14.65 22.73 16.26
C PHE A 130 -15.44 24.03 16.34
N GLU A 131 -16.59 24.02 15.69
CA GLU A 131 -17.54 25.12 15.82
C GLU A 131 -18.38 24.91 17.07
N ASN A 132 -19.29 25.85 17.34
CA ASN A 132 -20.16 25.71 18.50
C ASN A 132 -21.09 24.53 18.40
N ASP A 133 -21.38 24.05 17.18
CA ASP A 133 -22.27 22.91 16.98
C ASP A 133 -21.53 21.58 16.96
N GLY A 134 -20.23 21.58 17.23
CA GLY A 134 -19.47 20.36 17.32
C GLY A 134 -18.83 19.89 16.03
N SER A 135 -19.16 20.50 14.90
CA SER A 135 -18.54 20.14 13.63
C SER A 135 -17.16 20.78 13.52
N PHE A 136 -16.32 20.18 12.68
CA PHE A 136 -14.96 20.69 12.48
C PHE A 136 -15.01 22.13 11.99
N LYS A 137 -14.06 22.93 12.48
CA LYS A 137 -14.06 24.35 12.15
C LYS A 137 -13.95 24.54 10.64
N ARG A 138 -14.77 25.45 10.12
CA ARG A 138 -14.92 25.60 8.68
C ARG A 138 -13.78 26.46 8.12
N GLU A 139 -13.09 25.91 7.12
CA GLU A 139 -11.96 26.59 6.47
C GLU A 139 -12.19 26.54 4.96
N PRO A 140 -13.03 27.44 4.44
CA PRO A 140 -13.32 27.40 2.99
C PRO A 140 -12.12 27.61 2.11
N GLU A 141 -11.18 28.47 2.50
CA GLU A 141 -10.04 28.79 1.65
C GLU A 141 -9.00 27.68 1.62
N GLU A 142 -8.79 26.98 2.74
CA GLU A 142 -7.83 25.89 2.76
C GLU A 142 -8.30 24.72 1.91
N ALA A 143 -9.61 24.45 1.92
CA ALA A 143 -10.14 23.36 1.10
C ALA A 143 -10.04 23.66 -0.38
N TYR A 144 -10.17 24.94 -0.76
CA TYR A 144 -10.01 25.33 -2.15
C TYR A 144 -8.60 25.04 -2.65
N ASN A 145 -7.59 25.34 -1.82
CA ASN A 145 -6.20 25.12 -2.21
C ASN A 145 -5.83 23.65 -2.21
N LEU A 146 -6.56 22.81 -1.48
CA LEU A 146 -6.22 21.38 -1.43
C LEU A 146 -6.64 20.66 -2.70
N ILE A 147 -7.87 20.89 -3.16
CA ILE A 147 -8.33 20.24 -4.38
C ILE A 147 -7.62 20.83 -5.59
N ASN A 148 -7.40 22.14 -5.60
CA ASN A 148 -6.74 22.80 -6.72
C ASN A 148 -5.23 22.67 -6.68
N LYS A 149 -4.66 22.21 -5.57
CA LYS A 149 -3.22 22.06 -5.41
C LYS A 149 -2.49 23.37 -5.68
N ILE A 150 -2.97 24.43 -5.03
CA ILE A 150 -2.41 25.76 -5.21
C ILE A 150 -1.28 25.98 -4.21
N GLU B 30 32.70 -28.81 -23.61
CA GLU B 30 32.47 -29.60 -22.40
C GLU B 30 33.48 -29.23 -21.31
N ASN B 31 34.64 -28.71 -21.72
CA ASN B 31 35.62 -28.26 -20.75
C ASN B 31 35.09 -27.08 -19.93
N ILE B 32 34.36 -26.17 -20.59
CA ILE B 32 33.74 -25.07 -19.86
C ILE B 32 32.64 -25.58 -18.94
N GLN B 33 31.93 -26.63 -19.37
CA GLN B 33 30.88 -27.21 -18.53
C GLN B 33 31.43 -27.73 -17.21
N GLU B 34 32.60 -28.36 -17.25
CA GLU B 34 33.24 -28.84 -16.02
C GLU B 34 33.81 -27.71 -15.17
N LYS B 35 33.92 -26.50 -15.72
CA LYS B 35 34.43 -25.38 -14.95
C LYS B 35 33.35 -24.56 -14.27
N ILE B 36 32.12 -24.58 -14.80
CA ILE B 36 30.99 -23.99 -14.08
C ILE B 36 30.64 -24.84 -12.87
N ALA B 37 30.66 -26.16 -13.03
CA ALA B 37 30.44 -27.06 -11.89
C ALA B 37 31.53 -26.92 -10.85
N PHE B 38 32.77 -26.63 -11.29
CA PHE B 38 33.85 -26.45 -10.33
C PHE B 38 33.70 -25.17 -9.53
N ILE B 39 33.16 -24.11 -10.15
CA ILE B 39 32.99 -22.85 -9.45
C ILE B 39 31.97 -22.99 -8.32
N PHE B 40 30.83 -23.61 -8.60
CA PHE B 40 29.79 -23.75 -7.60
C PHE B 40 30.05 -24.87 -6.61
N ASN B 41 30.99 -25.77 -6.92
CA ASN B 41 31.30 -26.88 -6.01
C ASN B 41 32.09 -26.44 -4.79
N ASN B 42 32.90 -25.39 -4.91
CA ASN B 42 33.74 -24.93 -3.80
C ASN B 42 33.36 -23.53 -3.33
N LEU B 43 32.12 -23.12 -3.55
CA LEU B 43 31.69 -21.78 -3.14
C LEU B 43 31.60 -21.68 -1.62
N SER B 44 31.99 -20.53 -1.09
CA SER B 44 31.91 -20.24 0.33
C SER B 44 31.89 -18.73 0.52
N GLN B 45 31.58 -18.29 1.73
CA GLN B 45 31.55 -16.86 2.02
C GLN B 45 32.92 -16.21 1.93
N SER B 46 34.00 -16.99 2.01
CA SER B 46 35.35 -16.44 1.96
C SER B 46 35.83 -16.21 0.53
N ASN B 47 35.61 -17.17 -0.36
CA ASN B 47 36.04 -17.07 -1.75
C ASN B 47 34.91 -16.64 -2.68
N MET B 48 33.79 -16.15 -2.15
CA MET B 48 32.68 -15.78 -3.01
C MET B 48 33.06 -14.64 -3.95
N THR B 49 33.77 -13.64 -3.44
CA THR B 49 34.20 -12.54 -4.30
C THR B 49 35.20 -13.01 -5.34
N GLN B 50 36.12 -13.91 -4.96
CA GLN B 50 37.08 -14.44 -5.92
C GLN B 50 36.40 -15.31 -6.98
N LYS B 51 35.44 -16.14 -6.56
CA LYS B 51 34.77 -17.03 -7.51
C LYS B 51 33.78 -16.28 -8.40
N VAL B 52 33.29 -15.12 -7.98
CA VAL B 52 32.48 -14.30 -8.87
C VAL B 52 33.32 -13.83 -10.05
N GLU B 53 34.55 -13.37 -9.79
CA GLU B 53 35.45 -13.00 -10.87
C GLU B 53 35.84 -14.20 -11.71
N GLU B 54 35.99 -15.38 -11.09
CA GLU B 54 36.33 -16.58 -11.84
C GLU B 54 35.26 -16.91 -12.87
N LEU B 55 33.99 -16.73 -12.51
CA LEU B 55 32.90 -16.97 -13.45
C LEU B 55 32.94 -15.99 -14.62
N LYS B 56 33.24 -14.72 -14.34
CA LYS B 56 33.17 -13.69 -15.37
C LYS B 56 34.20 -13.92 -16.47
N GLU B 57 35.43 -14.28 -16.11
CA GLU B 57 36.46 -14.51 -17.12
C GLU B 57 36.35 -15.86 -17.79
N THR B 58 35.50 -16.75 -17.28
CA THR B 58 35.35 -18.10 -17.83
C THR B 58 34.12 -18.22 -18.72
N VAL B 59 32.97 -17.74 -18.26
CA VAL B 59 31.72 -17.87 -18.98
C VAL B 59 31.42 -16.56 -19.69
N LYS B 60 31.16 -16.64 -20.99
CA LYS B 60 30.86 -15.47 -21.79
C LYS B 60 29.37 -15.16 -21.73
N GLU B 61 28.94 -14.12 -22.47
CA GLU B 61 27.54 -13.75 -22.47
C GLU B 61 26.67 -14.81 -23.15
N GLU B 62 27.21 -15.51 -24.13
CA GLU B 62 26.44 -16.52 -24.83
C GLU B 62 26.06 -17.68 -23.92
N PHE B 63 26.97 -18.08 -23.03
CA PHE B 63 26.75 -19.22 -22.15
C PHE B 63 26.06 -18.85 -20.85
N MET B 64 25.71 -17.58 -20.66
CA MET B 64 25.00 -17.17 -19.45
C MET B 64 23.67 -17.88 -19.25
N PRO B 65 22.80 -18.05 -20.26
CA PRO B 65 21.55 -18.78 -20.02
C PRO B 65 21.75 -20.21 -19.57
N TRP B 66 22.86 -20.85 -19.95
CA TRP B 66 23.13 -22.20 -19.47
C TRP B 66 23.49 -22.22 -18.00
N VAL B 67 24.15 -21.17 -17.50
CA VAL B 67 24.54 -21.13 -16.10
C VAL B 67 23.32 -20.95 -15.21
N SER B 68 22.37 -20.12 -15.62
CA SER B 68 21.14 -19.95 -14.84
C SER B 68 20.35 -21.25 -14.79
N GLN B 69 20.30 -21.98 -15.90
CA GLN B 69 19.63 -23.28 -15.91
C GLN B 69 20.36 -24.27 -15.00
N TYR B 70 21.69 -24.28 -15.04
CA TYR B 70 22.46 -25.18 -14.19
C TYR B 70 22.30 -24.82 -12.72
N LEU B 71 22.31 -23.53 -12.40
CA LEU B 71 22.23 -23.12 -11.00
C LEU B 71 20.89 -23.51 -10.38
N VAL B 72 19.80 -23.33 -11.11
CA VAL B 72 18.48 -23.61 -10.56
C VAL B 72 18.18 -25.10 -10.57
N MET B 73 18.44 -25.77 -11.69
CA MET B 73 18.08 -27.17 -11.83
C MET B 73 19.02 -28.09 -11.05
N LYS B 74 20.32 -27.81 -11.09
CA LYS B 74 21.31 -28.75 -10.55
C LYS B 74 21.82 -28.39 -9.17
N ARG B 75 21.67 -27.14 -8.73
CA ARG B 75 22.12 -26.73 -7.41
C ARG B 75 20.98 -26.29 -6.51
N VAL B 76 20.14 -25.36 -6.98
CA VAL B 76 19.08 -24.82 -6.14
C VAL B 76 18.04 -25.88 -5.80
N SER B 77 17.68 -26.72 -6.78
CA SER B 77 16.57 -27.65 -6.60
C SER B 77 16.87 -28.73 -5.58
N ILE B 78 18.14 -29.13 -5.44
CA ILE B 78 18.49 -30.27 -4.60
C ILE B 78 19.29 -29.89 -3.37
N GLU B 79 19.64 -28.61 -3.20
CA GLU B 79 20.46 -28.17 -2.08
C GLU B 79 19.77 -27.03 -1.35
N PRO B 80 18.92 -27.35 -0.36
CA PRO B 80 18.25 -26.27 0.40
C PRO B 80 19.17 -25.57 1.39
N ASN B 81 20.26 -26.21 1.83
CA ASN B 81 21.14 -25.59 2.81
C ASN B 81 21.97 -24.48 2.17
N PHE B 82 22.40 -24.68 0.94
CA PHE B 82 23.23 -23.69 0.24
C PHE B 82 22.39 -22.73 -0.59
N HIS B 83 21.37 -22.13 0.02
CA HIS B 83 20.54 -21.17 -0.69
C HIS B 83 20.94 -19.73 -0.42
N SER B 84 21.31 -19.40 0.82
CA SER B 84 21.88 -18.09 1.11
C SER B 84 23.26 -17.93 0.49
N LEU B 85 23.97 -19.02 0.27
CA LEU B 85 25.26 -18.95 -0.42
C LEU B 85 25.08 -18.47 -1.86
N TYR B 86 24.11 -19.05 -2.58
CA TYR B 86 23.87 -18.67 -3.96
C TYR B 86 23.13 -17.34 -4.08
N SER B 87 22.30 -17.01 -3.09
CA SER B 87 21.66 -15.70 -3.09
C SER B 87 22.69 -14.59 -2.88
N ASN B 88 23.67 -14.82 -2.00
CA ASN B 88 24.76 -13.87 -1.83
C ASN B 88 25.66 -13.83 -3.06
N PHE B 89 25.81 -14.96 -3.76
CA PHE B 89 26.56 -14.97 -5.01
C PHE B 89 25.92 -14.08 -6.05
N LEU B 90 24.58 -14.10 -6.12
CA LEU B 90 23.87 -13.24 -7.05
C LEU B 90 24.06 -11.77 -6.71
N ASP B 91 24.00 -11.44 -5.42
CA ASP B 91 24.24 -10.05 -5.01
C ASP B 91 25.66 -9.60 -5.31
N THR B 92 26.64 -10.46 -5.04
CA THR B 92 28.03 -10.11 -5.30
C THR B 92 28.30 -9.99 -6.79
N LEU B 93 27.68 -10.85 -7.60
CA LEU B 93 27.89 -10.80 -9.04
C LEU B 93 27.37 -9.49 -9.63
N LYS B 94 26.22 -9.02 -9.16
CA LYS B 94 25.64 -7.73 -9.55
C LYS B 94 25.41 -7.68 -11.07
N ASN B 95 24.65 -8.65 -11.56
CA ASN B 95 24.27 -8.73 -12.97
C ASN B 95 22.76 -8.78 -13.09
N PRO B 96 22.10 -7.64 -13.34
CA PRO B 96 20.64 -7.65 -13.44
C PRO B 96 20.09 -8.56 -14.54
N GLU B 97 20.81 -8.70 -15.65
CA GLU B 97 20.36 -9.60 -16.71
C GLU B 97 20.42 -11.05 -16.25
N PHE B 98 21.46 -11.42 -15.52
CA PHE B 98 21.54 -12.78 -15.00
C PHE B 98 20.51 -13.04 -13.92
N ASN B 99 20.13 -12.00 -13.16
CA ASN B 99 19.10 -12.17 -12.14
C ASN B 99 17.73 -12.43 -12.75
N LYS B 100 17.45 -11.84 -13.92
CA LYS B 100 16.18 -12.09 -14.58
C LYS B 100 16.13 -13.48 -15.21
N MET B 101 17.27 -13.95 -15.73
CA MET B 101 17.35 -15.32 -16.24
C MET B 101 17.09 -16.34 -15.13
N VAL B 102 17.68 -16.11 -13.95
CA VAL B 102 17.50 -17.02 -12.84
C VAL B 102 16.05 -17.01 -12.36
N LEU B 103 15.43 -15.83 -12.30
CA LEU B 103 14.03 -15.75 -11.90
C LEU B 103 13.12 -16.41 -12.93
N ASN B 104 13.40 -16.19 -14.22
CA ASN B 104 12.59 -16.83 -15.26
C ASN B 104 12.76 -18.33 -15.25
N GLU B 105 13.97 -18.83 -15.00
CA GLU B 105 14.21 -20.26 -14.93
C GLU B 105 13.54 -20.87 -13.70
N THR B 106 13.48 -20.11 -12.59
CA THR B 106 12.79 -20.60 -11.40
C THR B 106 11.30 -20.77 -11.65
N TYR B 107 10.67 -19.78 -12.30
CA TYR B 107 9.25 -19.90 -12.61
C TYR B 107 8.99 -21.02 -13.59
N ARG B 108 9.87 -21.19 -14.58
CA ARG B 108 9.72 -22.26 -15.55
C ARG B 108 9.78 -23.63 -14.88
N ASN B 109 10.68 -23.80 -13.93
CA ASN B 109 10.82 -25.08 -13.26
C ASN B 109 9.69 -25.33 -12.26
N ILE B 110 9.19 -24.27 -11.62
CA ILE B 110 8.06 -24.44 -10.70
C ILE B 110 6.83 -24.89 -11.46
N LYS B 111 6.54 -24.26 -12.59
CA LYS B 111 5.36 -24.59 -13.37
C LYS B 111 5.44 -25.97 -14.00
N VAL B 112 6.65 -26.49 -14.23
CA VAL B 112 6.79 -27.85 -14.71
C VAL B 112 6.31 -28.84 -13.64
N LEU B 113 6.61 -28.55 -12.38
CA LEU B 113 6.19 -29.44 -11.30
C LEU B 113 4.70 -29.28 -10.99
N LEU B 114 4.19 -28.05 -11.04
CA LEU B 114 2.77 -27.83 -10.77
C LEU B 114 1.88 -28.51 -11.81
N THR B 115 2.25 -28.42 -13.08
CA THR B 115 1.48 -29.03 -14.16
C THR B 115 2.05 -30.41 -14.50
N SER B 116 2.09 -31.28 -13.49
CA SER B 116 2.62 -32.62 -13.66
C SER B 116 1.67 -33.66 -13.09
N ASP B 117 2.11 -34.92 -13.02
CA ASP B 117 1.31 -36.00 -12.46
C ASP B 117 1.56 -36.04 -10.95
N LYS B 118 0.55 -35.68 -10.16
CA LYS B 118 0.70 -35.58 -8.71
C LYS B 118 0.43 -36.93 -8.05
N ALA B 119 1.36 -37.85 -8.26
CA ALA B 119 1.28 -39.16 -7.63
C ALA B 119 1.58 -39.05 -6.14
N ALA B 120 1.05 -40.01 -5.38
CA ALA B 120 1.22 -40.04 -3.94
C ALA B 120 2.54 -40.65 -3.50
N ALA B 121 3.33 -41.18 -4.44
CA ALA B 121 4.62 -41.76 -4.12
C ALA B 121 5.80 -40.90 -4.58
N ASN B 122 5.56 -39.82 -5.32
CA ASN B 122 6.62 -38.95 -5.80
C ASN B 122 7.08 -38.04 -4.66
N PHE B 123 7.82 -38.63 -3.74
CA PHE B 123 8.37 -37.87 -2.62
C PHE B 123 9.45 -36.91 -3.07
N SER B 124 10.22 -37.28 -4.10
CA SER B 124 11.32 -36.42 -4.56
C SER B 124 10.78 -35.21 -5.30
N ASP B 125 9.76 -35.38 -6.15
CA ASP B 125 9.21 -34.26 -6.89
C ASP B 125 8.56 -33.25 -5.97
N ARG B 126 8.06 -33.70 -4.82
CA ARG B 126 7.46 -32.79 -3.85
C ARG B 126 8.52 -32.02 -3.07
N SER B 127 9.72 -32.58 -2.92
CA SER B 127 10.82 -31.88 -2.29
C SER B 127 11.45 -30.84 -3.21
N LEU B 128 11.44 -31.09 -4.52
CA LEU B 128 11.95 -30.11 -5.47
C LEU B 128 11.12 -28.83 -5.45
N LEU B 129 9.79 -28.97 -5.32
CA LEU B 129 8.92 -27.81 -5.27
C LEU B 129 9.14 -27.00 -4.01
N LYS B 130 9.41 -27.67 -2.88
CA LYS B 130 9.71 -26.95 -1.65
C LYS B 130 11.01 -26.17 -1.77
N ASN B 131 12.05 -26.79 -2.35
CA ASN B 131 13.32 -26.10 -2.52
C ASN B 131 13.20 -24.95 -3.50
N LEU B 132 12.45 -25.13 -4.58
CA LEU B 132 12.25 -24.06 -5.55
C LEU B 132 11.36 -22.96 -4.97
N GLY B 133 10.40 -23.31 -4.12
CA GLY B 133 9.61 -22.29 -3.45
C GLY B 133 10.43 -21.49 -2.45
N HIS B 134 11.31 -22.17 -1.71
CA HIS B 134 12.18 -21.46 -0.78
C HIS B 134 13.12 -20.52 -1.53
N TRP B 135 13.66 -20.98 -2.66
CA TRP B 135 14.53 -20.15 -3.48
C TRP B 135 13.79 -18.95 -4.05
N LEU B 136 12.55 -19.17 -4.50
CA LEU B 136 11.77 -18.09 -5.12
C LEU B 136 11.52 -16.95 -4.14
N GLY B 137 11.15 -17.27 -2.91
CA GLY B 137 10.88 -16.22 -1.93
C GLY B 137 12.13 -15.44 -1.57
N MET B 138 13.28 -16.10 -1.54
CA MET B 138 14.51 -15.43 -1.17
C MET B 138 14.94 -14.41 -2.22
N ILE B 139 14.70 -14.70 -3.51
CA ILE B 139 15.14 -13.81 -4.57
C ILE B 139 14.07 -12.81 -5.00
N THR B 140 12.84 -12.95 -4.52
CA THR B 140 11.81 -11.96 -4.78
C THR B 140 11.36 -11.25 -3.50
N LEU B 141 10.83 -11.99 -2.51
CA LEU B 141 10.25 -11.35 -1.35
C LEU B 141 11.31 -10.72 -0.46
N ALA B 142 12.39 -11.47 -0.18
CA ALA B 142 13.44 -10.97 0.69
C ALA B 142 14.17 -9.78 0.07
N LYS B 143 14.14 -9.64 -1.25
CA LYS B 143 14.75 -8.52 -1.94
C LYS B 143 13.77 -7.38 -2.17
N ASN B 144 12.64 -7.37 -1.45
CA ASN B 144 11.62 -6.34 -1.56
C ASN B 144 11.02 -6.27 -2.97
N LYS B 145 10.98 -7.41 -3.66
CA LYS B 145 10.39 -7.53 -4.97
C LYS B 145 9.12 -8.37 -4.91
N PRO B 146 8.11 -8.06 -5.72
CA PRO B 146 6.88 -8.84 -5.71
C PRO B 146 7.01 -10.10 -6.57
N ILE B 147 6.14 -11.06 -6.26
CA ILE B 147 5.89 -12.20 -7.13
C ILE B 147 4.73 -11.79 -8.04
N LEU B 148 5.05 -11.48 -9.29
CA LEU B 148 4.07 -10.87 -10.18
C LEU B 148 2.92 -11.82 -10.46
N HIS B 149 1.71 -11.26 -10.58
CA HIS B 149 0.52 -12.07 -10.81
C HIS B 149 0.60 -12.80 -12.14
N THR B 150 1.13 -12.14 -13.17
CA THR B 150 1.29 -12.78 -14.47
C THR B 150 2.34 -13.87 -14.46
N ASP B 151 3.21 -13.90 -13.46
CA ASP B 151 4.24 -14.93 -13.33
C ASP B 151 3.76 -16.10 -12.49
N LEU B 152 3.19 -15.82 -11.32
CA LEU B 152 2.63 -16.86 -10.46
C LEU B 152 1.61 -16.21 -9.54
N ASP B 153 0.36 -16.65 -9.65
CA ASP B 153 -0.72 -16.11 -8.81
C ASP B 153 -0.85 -17.04 -7.61
N VAL B 154 -0.34 -16.59 -6.46
CA VAL B 154 -0.25 -17.47 -5.29
C VAL B 154 -1.63 -17.75 -4.70
N LYS B 155 -2.48 -16.73 -4.60
CA LYS B 155 -3.76 -16.90 -3.92
C LYS B 155 -4.66 -17.88 -4.67
N SER B 156 -4.72 -17.76 -6.00
CA SER B 156 -5.53 -18.68 -6.78
C SER B 156 -4.91 -20.07 -6.86
N LEU B 157 -3.59 -20.18 -6.63
CA LEU B 157 -2.97 -21.50 -6.53
C LEU B 157 -3.49 -22.26 -5.31
N LEU B 158 -3.69 -21.55 -4.20
CA LEU B 158 -4.21 -22.18 -2.99
C LEU B 158 -5.68 -22.56 -3.16
N LEU B 159 -6.46 -21.71 -3.82
CA LEU B 159 -7.87 -22.01 -4.03
C LEU B 159 -8.07 -23.10 -5.06
N GLU B 160 -7.23 -23.13 -6.10
CA GLU B 160 -7.36 -24.15 -7.14
C GLU B 160 -6.95 -25.52 -6.62
N ALA B 161 -5.91 -25.57 -5.78
CA ALA B 161 -5.49 -26.85 -5.21
C ALA B 161 -6.53 -27.42 -4.26
N TYR B 162 -7.27 -26.56 -3.58
CA TYR B 162 -8.31 -27.03 -2.67
C TYR B 162 -9.42 -27.74 -3.42
N VAL B 163 -9.88 -27.18 -4.54
CA VAL B 163 -11.00 -27.76 -5.27
C VAL B 163 -10.56 -28.90 -6.18
N LYS B 164 -9.26 -28.98 -6.52
CA LYS B 164 -8.80 -30.05 -7.40
C LYS B 164 -8.74 -31.38 -6.66
N GLY B 165 -8.26 -31.38 -5.43
CA GLY B 165 -8.19 -32.61 -4.66
C GLY B 165 -7.27 -32.45 -3.47
N GLN B 166 -6.98 -33.58 -2.84
CA GLN B 166 -6.16 -33.62 -1.63
C GLN B 166 -4.69 -33.85 -1.93
N GLN B 167 -4.37 -34.44 -3.09
CA GLN B 167 -2.98 -34.62 -3.49
C GLN B 167 -2.36 -33.33 -4.02
N GLU B 168 -3.18 -32.46 -4.60
CA GLU B 168 -2.67 -31.17 -5.06
C GLU B 168 -2.38 -30.22 -3.89
N LEU B 169 -3.02 -30.44 -2.75
CA LEU B 169 -2.73 -29.62 -1.57
C LEU B 169 -1.39 -29.98 -0.95
N LEU B 170 -0.97 -31.24 -1.07
CA LEU B 170 0.33 -31.65 -0.55
C LEU B 170 1.47 -30.97 -1.30
N TYR B 171 1.29 -30.66 -2.58
CA TYR B 171 2.31 -29.96 -3.35
C TYR B 171 2.33 -28.47 -3.05
N VAL B 172 1.15 -27.87 -2.84
CA VAL B 172 1.02 -26.42 -2.88
C VAL B 172 1.20 -25.79 -1.49
N VAL B 173 0.56 -26.35 -0.47
CA VAL B 173 0.65 -25.77 0.86
C VAL B 173 2.08 -25.75 1.38
N PRO B 174 2.85 -26.84 1.33
CA PRO B 174 4.28 -26.74 1.69
C PRO B 174 5.07 -25.81 0.80
N PHE B 175 4.74 -25.74 -0.50
CA PHE B 175 5.44 -24.84 -1.40
C PHE B 175 5.15 -23.39 -1.06
N VAL B 176 3.89 -23.06 -0.76
CA VAL B 176 3.53 -21.69 -0.41
C VAL B 176 4.12 -21.29 0.93
N ALA B 177 4.17 -22.24 1.88
CA ALA B 177 4.74 -21.95 3.19
C ALA B 177 6.23 -21.64 3.11
N LYS B 178 6.93 -22.24 2.14
CA LYS B 178 8.34 -21.94 1.97
C LYS B 178 8.56 -20.59 1.30
N VAL B 179 7.64 -20.17 0.43
CA VAL B 179 7.74 -18.87 -0.21
C VAL B 179 7.54 -17.75 0.81
N LEU B 180 6.58 -17.92 1.71
CA LEU B 180 6.24 -16.89 2.68
C LEU B 180 7.21 -16.82 3.85
N GLU B 181 8.16 -17.76 3.95
CA GLU B 181 9.16 -17.69 5.00
C GLU B 181 10.06 -16.47 4.85
N SER B 182 10.30 -16.04 3.61
CA SER B 182 11.16 -14.90 3.33
C SER B 182 10.44 -13.56 3.48
N SER B 183 9.13 -13.58 3.74
CA SER B 183 8.40 -12.33 3.94
C SER B 183 8.81 -11.65 5.24
N ILE B 184 9.19 -12.42 6.26
CA ILE B 184 9.61 -11.85 7.53
C ILE B 184 10.94 -11.08 7.40
N ARG B 185 11.73 -11.39 6.37
CA ARG B 185 13.02 -10.72 6.16
C ARG B 185 12.91 -9.58 5.16
N SER B 186 11.70 -9.06 4.93
CA SER B 186 11.46 -7.98 3.98
C SER B 186 10.72 -6.86 4.70
N VAL B 187 11.26 -5.64 4.65
CA VAL B 187 10.57 -4.51 5.24
C VAL B 187 9.28 -4.19 4.48
N VAL B 188 9.17 -4.62 3.24
CA VAL B 188 7.95 -4.40 2.46
C VAL B 188 6.93 -5.51 2.70
N PHE B 189 7.37 -6.77 2.66
CA PHE B 189 6.47 -7.91 2.73
C PHE B 189 6.38 -8.51 4.13
N ARG B 190 6.81 -7.78 5.15
CA ARG B 190 6.59 -8.18 6.54
C ARG B 190 5.10 -8.40 6.76
N PRO B 191 4.70 -9.19 7.75
CA PRO B 191 3.31 -9.66 7.84
C PRO B 191 2.28 -8.54 7.76
N PRO B 192 2.52 -7.32 8.32
CA PRO B 192 1.50 -6.27 8.14
C PRO B 192 1.20 -5.92 6.68
N ASN B 193 1.90 -6.54 5.74
CA ASN B 193 1.65 -6.29 4.32
C ASN B 193 0.24 -6.74 3.94
N PRO B 194 -0.48 -5.94 3.15
CA PRO B 194 -1.81 -6.38 2.69
C PRO B 194 -1.79 -7.65 1.87
N TRP B 195 -0.75 -7.88 1.07
CA TRP B 195 -0.67 -9.08 0.26
C TRP B 195 -0.28 -10.31 1.07
N THR B 196 0.54 -10.14 2.13
CA THR B 196 0.95 -11.28 2.94
C THR B 196 -0.23 -11.85 3.71
N MET B 197 -1.02 -10.99 4.36
CA MET B 197 -2.24 -11.43 5.02
C MET B 197 -3.33 -11.85 4.05
N ALA B 198 -3.25 -11.45 2.79
CA ALA B 198 -4.14 -12.04 1.79
C ALA B 198 -3.88 -13.53 1.65
N ILE B 199 -2.61 -13.92 1.60
CA ILE B 199 -2.26 -15.33 1.52
C ILE B 199 -2.46 -16.02 2.86
N MET B 200 -2.09 -15.35 3.96
CA MET B 200 -2.17 -15.98 5.27
C MET B 200 -3.61 -16.18 5.72
N ASN B 201 -4.54 -15.35 5.24
CA ASN B 201 -5.95 -15.55 5.58
C ASN B 201 -6.55 -16.70 4.78
N VAL B 202 -6.04 -16.97 3.58
CA VAL B 202 -6.47 -18.14 2.82
C VAL B 202 -6.01 -19.41 3.52
N LEU B 203 -4.78 -19.42 4.04
CA LEU B 203 -4.29 -20.56 4.80
C LEU B 203 -5.00 -20.71 6.14
N ALA B 204 -5.53 -19.61 6.69
CA ALA B 204 -6.34 -19.71 7.91
C ALA B 204 -7.66 -20.39 7.62
N GLU B 205 -8.24 -20.15 6.45
CA GLU B 205 -9.45 -20.87 6.05
C GLU B 205 -9.17 -22.35 5.89
N LEU B 206 -8.03 -22.70 5.30
CA LEU B 206 -7.66 -24.09 5.12
C LEU B 206 -7.44 -24.79 6.46
N HIS B 207 -6.79 -24.10 7.40
CA HIS B 207 -6.59 -24.66 8.73
C HIS B 207 -7.90 -24.97 9.44
N GLN B 208 -8.98 -24.27 9.07
CA GLN B 208 -10.29 -24.49 9.68
C GLN B 208 -11.04 -25.66 9.05
N GLU B 209 -10.53 -26.23 7.97
CA GLU B 209 -11.19 -27.35 7.31
C GLU B 209 -10.99 -28.63 8.11
N HIS B 210 -12.06 -29.41 8.22
CA HIS B 210 -11.99 -30.70 8.91
C HIS B 210 -11.43 -31.81 8.03
N ASP B 211 -11.22 -31.55 6.74
CA ASP B 211 -10.68 -32.55 5.83
C ASP B 211 -9.18 -32.37 5.58
N LEU B 212 -8.65 -31.18 5.77
CA LEU B 212 -7.22 -30.96 5.63
C LEU B 212 -6.45 -31.85 6.62
N LYS B 213 -5.42 -32.53 6.13
CA LYS B 213 -4.70 -33.45 6.98
C LYS B 213 -3.87 -32.72 8.02
N LEU B 214 -3.56 -33.44 9.10
CA LEU B 214 -2.83 -32.84 10.22
C LEU B 214 -1.42 -32.43 9.81
N ASN B 215 -0.81 -33.14 8.86
CA ASN B 215 0.52 -32.76 8.42
C ASN B 215 0.53 -31.44 7.67
N LEU B 216 -0.61 -31.08 7.05
CA LEU B 216 -0.75 -29.78 6.42
C LEU B 216 -1.22 -28.71 7.38
N LYS B 217 -2.03 -29.09 8.38
CA LYS B 217 -2.39 -28.15 9.44
C LYS B 217 -1.17 -27.73 10.25
N PHE B 218 -0.29 -28.70 10.55
CA PHE B 218 0.91 -28.40 11.32
C PHE B 218 1.87 -27.49 10.55
N GLU B 219 1.87 -27.59 9.21
CA GLU B 219 2.73 -26.73 8.41
C GLU B 219 2.25 -25.28 8.42
N ILE B 220 0.93 -25.07 8.43
CA ILE B 220 0.39 -23.71 8.52
C ILE B 220 0.67 -23.11 9.89
N GLU B 221 0.57 -23.94 10.94
CA GLU B 221 0.88 -23.46 12.28
C GLU B 221 2.34 -23.05 12.40
N VAL B 222 3.25 -23.83 11.81
CA VAL B 222 4.66 -23.50 11.85
C VAL B 222 4.93 -22.20 11.11
N LEU B 223 4.28 -22.01 9.95
CA LEU B 223 4.46 -20.78 9.19
C LEU B 223 4.02 -19.56 9.99
N CYS B 224 2.93 -19.70 10.76
CA CYS B 224 2.49 -18.61 11.62
C CYS B 224 3.54 -18.28 12.67
N LYS B 225 4.16 -19.32 13.27
CA LYS B 225 5.20 -19.08 14.26
C LYS B 225 6.46 -18.50 13.64
N ASN B 226 6.73 -18.83 12.37
CA ASN B 226 7.90 -18.27 11.69
C ASN B 226 7.72 -16.79 11.40
N LEU B 227 6.51 -16.36 11.11
CA LEU B 227 6.20 -14.97 10.81
C LEU B 227 5.81 -14.19 12.06
N ALA B 228 5.94 -14.79 13.24
CA ALA B 228 5.56 -14.17 14.52
C ALA B 228 4.08 -13.78 14.51
N LEU B 229 3.25 -14.60 13.87
CA LEU B 229 1.82 -14.39 13.80
C LEU B 229 1.10 -15.34 14.74
N ASP B 230 -0.19 -15.07 14.94
CA ASP B 230 -1.07 -15.93 15.71
C ASP B 230 -2.14 -16.47 14.77
N ILE B 231 -2.26 -17.81 14.72
CA ILE B 231 -3.24 -18.42 13.85
C ILE B 231 -4.65 -18.09 14.33
N ASN B 232 -4.83 -17.88 15.62
CA ASN B 232 -6.14 -17.54 16.16
C ASN B 232 -6.53 -16.09 15.84
N GLU B 233 -5.53 -15.22 15.64
CA GLU B 233 -5.78 -13.81 15.40
C GLU B 233 -5.92 -13.48 13.92
N LEU B 234 -5.76 -14.46 13.03
CA LEU B 234 -6.00 -14.23 11.62
C LEU B 234 -7.51 -14.11 11.36
N LYS B 235 -7.85 -13.68 10.15
CA LYS B 235 -9.24 -13.39 9.77
C LYS B 235 -9.59 -14.23 8.55
N PRO B 236 -9.95 -15.50 8.74
CA PRO B 236 -10.37 -16.32 7.60
C PRO B 236 -11.71 -15.83 7.05
N GLY B 237 -11.77 -15.71 5.73
CA GLY B 237 -12.97 -15.28 5.04
C GLY B 237 -13.82 -16.45 4.60
N ASN B 238 -14.69 -16.18 3.63
CA ASN B 238 -15.56 -17.18 3.05
C ASN B 238 -15.16 -17.51 1.61
N LEU B 239 -13.85 -17.50 1.33
CA LEU B 239 -13.36 -17.71 -0.02
C LEU B 239 -13.60 -19.14 -0.49
N LEU B 240 -13.54 -20.10 0.42
CA LEU B 240 -13.67 -21.51 0.07
C LEU B 240 -15.12 -21.95 -0.12
N LYS B 241 -16.08 -21.10 0.19
CA LYS B 241 -17.50 -21.42 0.02
C LYS B 241 -18.12 -20.77 -1.20
N ASP B 242 -17.37 -19.92 -1.92
CA ASP B 242 -17.87 -19.27 -3.13
C ASP B 242 -17.59 -20.19 -4.31
N LYS B 243 -18.47 -21.18 -4.48
CA LYS B 243 -18.27 -22.19 -5.52
C LYS B 243 -18.37 -21.59 -6.91
N ASP B 244 -19.16 -20.52 -7.09
CA ASP B 244 -19.24 -19.87 -8.39
C ASP B 244 -17.99 -19.09 -8.72
N ARG B 245 -17.11 -18.84 -7.75
CA ARG B 245 -15.83 -18.20 -8.02
C ARG B 245 -14.68 -19.20 -8.17
N LEU B 246 -14.81 -20.38 -7.59
CA LEU B 246 -13.81 -21.43 -7.76
C LEU B 246 -13.99 -22.22 -9.05
N LYS B 247 -15.02 -21.93 -9.83
CA LYS B 247 -15.26 -22.61 -11.08
C LYS B 247 -14.53 -21.99 -12.26
N ASN B 248 -14.37 -20.66 -12.26
CA ASN B 248 -13.70 -19.94 -13.33
C ASN B 248 -12.27 -19.56 -12.97
N LEU B 249 -11.64 -20.31 -12.06
CA LEU B 249 -10.26 -20.05 -11.69
C LEU B 249 -9.33 -20.33 -12.86
N ASP B 250 -8.33 -19.47 -13.04
CA ASP B 250 -7.27 -19.75 -13.99
C ASP B 250 -6.43 -20.91 -13.49
N GLU B 251 -6.22 -21.91 -14.34
CA GLU B 251 -5.62 -23.16 -13.91
C GLU B 251 -4.11 -23.09 -14.02
N GLN B 252 -3.43 -23.24 -12.88
CA GLN B 252 -1.98 -23.34 -12.84
C GLN B 252 -1.50 -24.75 -12.50
N LEU B 253 -2.39 -25.65 -12.13
CA LEU B 253 -2.07 -27.03 -11.80
C LEU B 253 -2.63 -27.95 -12.87
N SER B 254 -2.38 -29.25 -12.69
CA SER B 254 -2.88 -30.25 -13.61
C SER B 254 -2.95 -31.61 -12.92
N GLN C 136 -13.99 5.60 -24.34
CA GLN C 136 -13.96 5.69 -22.89
C GLN C 136 -12.52 5.87 -22.40
N ARG C 137 -12.03 7.10 -22.47
CA ARG C 137 -10.66 7.38 -22.04
C ARG C 137 -10.47 7.09 -20.55
N ILE C 138 -11.44 7.49 -19.73
CA ILE C 138 -11.40 7.27 -18.29
C ILE C 138 -12.40 6.19 -17.93
N CYS C 139 -11.93 5.14 -17.27
CA CYS C 139 -12.78 4.06 -16.80
C CYS C 139 -13.01 4.24 -15.30
N GLU C 140 -14.28 4.28 -14.90
CA GLU C 140 -14.66 4.42 -13.50
C GLU C 140 -14.76 3.03 -12.88
N VAL C 141 -13.88 2.75 -11.93
CA VAL C 141 -13.74 1.42 -11.35
C VAL C 141 -14.45 1.38 -10.01
N TRP C 142 -15.34 0.42 -9.84
CA TRP C 142 -16.07 0.19 -8.61
C TRP C 142 -15.69 -1.20 -8.08
N ALA C 143 -16.38 -1.63 -7.02
CA ALA C 143 -16.09 -2.93 -6.45
C ALA C 143 -16.45 -4.07 -7.39
N CYS C 144 -17.40 -3.84 -8.31
CA CYS C 144 -17.87 -4.93 -9.17
C CYS C 144 -16.88 -5.24 -10.27
N ASN C 145 -16.20 -4.23 -10.82
CA ASN C 145 -15.32 -4.41 -11.97
C ASN C 145 -13.86 -4.19 -11.63
N LEU C 146 -13.50 -4.20 -10.35
CA LEU C 146 -12.11 -3.96 -9.96
C LEU C 146 -11.20 -5.06 -10.48
N ASP C 147 -11.62 -6.33 -10.34
CA ASP C 147 -10.78 -7.43 -10.79
C ASP C 147 -10.70 -7.52 -12.31
N GLU C 148 -11.78 -7.17 -13.00
CA GLU C 148 -11.78 -7.22 -14.47
C GLU C 148 -10.91 -6.11 -15.04
N GLU C 149 -10.89 -4.93 -14.39
CA GLU C 149 -10.07 -3.84 -14.86
C GLU C 149 -8.61 -3.96 -14.42
N MET C 150 -8.32 -4.83 -13.45
CA MET C 150 -6.93 -5.06 -13.07
C MET C 150 -6.21 -5.92 -14.09
N LYS C 151 -6.95 -6.79 -14.79
CA LYS C 151 -6.35 -7.58 -15.86
C LYS C 151 -5.83 -6.69 -16.98
N LYS C 152 -6.60 -5.65 -17.32
CA LYS C 152 -6.16 -4.72 -18.36
C LYS C 152 -4.96 -3.90 -17.90
N ILE C 153 -4.95 -3.49 -16.63
CA ILE C 153 -3.86 -2.68 -16.12
C ILE C 153 -2.55 -3.46 -16.10
N ARG C 154 -2.61 -4.75 -15.75
CA ARG C 154 -1.40 -5.56 -15.64
C ARG C 154 -0.69 -5.72 -16.98
N GLN C 155 -1.40 -5.58 -18.09
CA GLN C 155 -0.78 -5.66 -19.41
C GLN C 155 -0.35 -4.29 -19.94
N VAL C 156 -1.00 -3.22 -19.48
CA VAL C 156 -0.66 -1.88 -19.93
C VAL C 156 0.70 -1.45 -19.38
N ILE C 157 0.96 -1.75 -18.11
CA ILE C 157 2.17 -1.26 -17.44
C ILE C 157 3.45 -1.77 -18.10
N ARG C 158 3.38 -2.91 -18.80
CA ARG C 158 4.56 -3.43 -19.47
C ARG C 158 5.05 -2.49 -20.57
N LYS C 159 4.13 -1.95 -21.36
CA LYS C 159 4.46 -1.06 -22.46
C LYS C 159 4.40 0.41 -22.06
N TYR C 160 3.48 0.78 -21.19
CA TYR C 160 3.25 2.17 -20.81
C TYR C 160 3.63 2.32 -19.33
N ASN C 161 4.90 2.64 -19.09
CA ASN C 161 5.50 2.60 -17.76
C ASN C 161 5.47 3.93 -17.03
N TYR C 162 4.91 4.99 -17.62
CA TYR C 162 4.74 6.27 -16.95
C TYR C 162 3.36 6.32 -16.34
N VAL C 163 3.29 6.54 -15.03
CA VAL C 163 2.02 6.54 -14.30
C VAL C 163 1.79 7.93 -13.72
N ALA C 164 0.86 8.67 -14.32
CA ALA C 164 0.38 9.92 -13.75
C ALA C 164 -0.78 9.61 -12.82
N MET C 165 -0.79 10.23 -11.64
CA MET C 165 -1.74 9.85 -10.62
C MET C 165 -2.18 11.05 -9.80
N ASP C 166 -3.34 10.89 -9.16
CA ASP C 166 -3.94 11.87 -8.27
C ASP C 166 -4.92 11.16 -7.36
N THR C 167 -5.13 11.73 -6.17
CA THR C 167 -6.09 11.19 -5.22
C THR C 167 -7.03 12.30 -4.76
N GLU C 168 -8.22 11.89 -4.31
CA GLU C 168 -9.16 12.78 -3.65
C GLU C 168 -9.36 12.30 -2.22
N PHE C 169 -9.25 13.24 -1.27
CA PHE C 169 -9.34 12.93 0.14
C PHE C 169 -10.24 13.97 0.80
N PRO C 170 -10.80 13.66 1.97
CA PRO C 170 -11.81 14.54 2.58
C PRO C 170 -11.26 15.79 3.24
N GLY C 171 -9.99 16.16 3.04
CA GLY C 171 -9.50 17.43 3.51
C GLY C 171 -8.51 17.35 4.65
N VAL C 172 -8.51 18.37 5.51
CA VAL C 172 -7.60 18.46 6.65
C VAL C 172 -8.41 18.91 7.85
N VAL C 173 -8.29 18.18 8.97
CA VAL C 173 -9.11 18.47 10.15
C VAL C 173 -8.25 18.59 11.40
N ALA C 174 -6.98 18.20 11.32
CA ALA C 174 -6.12 18.13 12.49
C ALA C 174 -4.84 18.94 12.27
N ARG C 175 -4.34 19.52 13.37
CA ARG C 175 -3.07 20.22 13.39
C ARG C 175 -2.21 19.67 14.51
N PRO C 176 -0.92 19.46 14.28
CA PRO C 176 -0.05 18.90 15.32
C PRO C 176 0.21 19.90 16.45
N ILE C 177 0.60 19.35 17.60
CA ILE C 177 0.99 20.15 18.76
C ILE C 177 2.51 20.26 18.78
N GLY C 178 3.00 21.38 19.31
CA GLY C 178 4.42 21.54 19.58
C GLY C 178 5.06 22.55 18.64
N GLU C 179 6.38 22.67 18.79
CA GLU C 179 7.21 23.54 17.96
C GLU C 179 8.11 22.68 17.10
N PHE C 180 8.31 23.12 15.86
CA PHE C 180 9.01 22.32 14.87
C PHE C 180 10.23 23.08 14.37
N ARG C 181 11.32 22.34 14.14
CA ARG C 181 12.59 22.94 13.75
C ARG C 181 12.59 23.50 12.34
N SER C 182 11.63 23.10 11.50
CA SER C 182 11.60 23.57 10.12
C SER C 182 10.15 23.60 9.63
N ASN C 183 9.93 24.36 8.57
CA ASN C 183 8.62 24.39 7.94
C ASN C 183 8.34 23.10 7.17
N ALA C 184 9.39 22.46 6.66
CA ALA C 184 9.24 21.19 5.95
C ALA C 184 9.06 20.00 6.90
N ASP C 185 9.32 20.18 8.19
CA ASP C 185 9.02 19.16 9.19
C ASP C 185 7.60 19.28 9.70
N TYR C 186 7.10 20.51 9.85
CA TYR C 186 5.71 20.71 10.21
C TYR C 186 4.78 20.19 9.11
N GLN C 187 5.23 20.23 7.86
CA GLN C 187 4.39 19.75 6.76
C GLN C 187 4.23 18.25 6.79
N TYR C 188 5.26 17.51 7.22
CA TYR C 188 5.11 16.06 7.34
C TYR C 188 4.26 15.69 8.53
N GLN C 189 4.46 16.36 9.67
CA GLN C 189 3.66 16.06 10.85
C GLN C 189 2.20 16.44 10.62
N LEU C 190 1.95 17.54 9.91
CA LEU C 190 0.58 17.86 9.50
C LEU C 190 0.06 16.82 8.52
N LEU C 191 0.90 16.37 7.60
CA LEU C 191 0.51 15.28 6.70
C LEU C 191 0.25 13.99 7.47
N ARG C 192 1.12 13.68 8.43
CA ARG C 192 0.97 12.46 9.22
C ARG C 192 -0.30 12.50 10.07
N CYS C 193 -0.62 13.67 10.64
CA CYS C 193 -1.77 13.79 11.52
C CYS C 193 -3.08 13.50 10.82
N ASN C 194 -3.17 13.79 9.52
CA ASN C 194 -4.42 13.71 8.78
C ASN C 194 -4.58 12.43 7.99
N VAL C 195 -3.50 11.91 7.40
CA VAL C 195 -3.59 10.66 6.65
C VAL C 195 -3.95 9.51 7.58
N ASP C 196 -3.40 9.52 8.79
CA ASP C 196 -3.68 8.45 9.75
C ASP C 196 -5.13 8.43 10.20
N LEU C 197 -5.85 9.54 10.06
CA LEU C 197 -7.22 9.64 10.53
C LEU C 197 -8.25 9.55 9.41
N LEU C 198 -8.03 10.24 8.30
CA LEU C 198 -8.96 10.24 7.19
C LEU C 198 -8.60 9.13 6.21
N LYS C 199 -9.53 8.85 5.28
CA LYS C 199 -9.36 7.79 4.31
C LYS C 199 -9.59 8.32 2.90
N ILE C 200 -8.96 7.66 1.93
CA ILE C 200 -8.98 8.14 0.55
C ILE C 200 -10.36 7.91 -0.07
N ILE C 201 -10.73 8.80 -0.97
CA ILE C 201 -12.03 8.73 -1.66
C ILE C 201 -11.87 8.26 -3.09
N GLN C 202 -10.86 8.75 -3.81
CA GLN C 202 -10.68 8.42 -5.21
C GLN C 202 -9.19 8.30 -5.51
N LEU C 203 -8.88 7.55 -6.57
CA LEU C 203 -7.53 7.48 -7.10
C LEU C 203 -7.62 7.33 -8.61
N GLY C 204 -6.87 8.14 -9.33
CA GLY C 204 -6.82 8.07 -10.79
C GLY C 204 -5.43 7.71 -11.24
N LEU C 205 -5.35 6.80 -12.22
CA LEU C 205 -4.07 6.33 -12.75
C LEU C 205 -4.09 6.45 -14.27
N THR C 206 -3.17 7.24 -14.81
CA THR C 206 -3.01 7.40 -16.24
C THR C 206 -1.68 6.80 -16.67
N PHE C 207 -1.68 6.07 -17.77
CA PHE C 207 -0.51 5.34 -18.25
C PHE C 207 -0.04 5.91 -19.58
N MET C 208 1.26 6.23 -19.66
CA MET C 208 1.87 6.72 -20.89
C MET C 208 3.23 6.06 -21.04
N ASN C 209 3.82 6.21 -22.23
CA ASN C 209 5.15 5.72 -22.49
C ASN C 209 6.14 6.88 -22.53
N GLU C 210 7.40 6.59 -22.88
CA GLU C 210 8.44 7.61 -22.89
C GLU C 210 8.12 8.73 -23.88
N GLN C 211 7.40 8.41 -24.96
CA GLN C 211 7.03 9.41 -25.95
C GLN C 211 5.80 10.21 -25.56
N GLY C 212 5.19 9.92 -24.41
CA GLY C 212 4.00 10.63 -24.00
C GLY C 212 2.73 10.17 -24.67
N GLU C 213 2.68 8.91 -25.10
CA GLU C 213 1.54 8.36 -25.83
C GLU C 213 0.74 7.44 -24.91
N TYR C 214 -0.55 7.32 -25.22
CA TYR C 214 -1.50 6.63 -24.38
C TYR C 214 -1.89 5.28 -24.98
N PRO C 215 -2.30 4.32 -24.15
CA PRO C 215 -2.82 3.06 -24.67
C PRO C 215 -4.07 3.30 -25.49
N PRO C 216 -4.28 2.53 -26.56
CA PRO C 216 -5.53 2.64 -27.31
C PRO C 216 -6.72 2.25 -26.43
N GLY C 217 -7.82 2.99 -26.59
CA GLY C 217 -8.99 2.76 -25.77
C GLY C 217 -8.98 3.51 -24.46
N THR C 218 -8.73 2.80 -23.37
CA THR C 218 -8.72 3.40 -22.04
C THR C 218 -7.29 3.63 -21.58
N SER C 219 -6.98 4.87 -21.21
CA SER C 219 -5.68 5.22 -20.65
C SER C 219 -5.74 5.60 -19.18
N THR C 220 -6.90 5.99 -18.67
CA THR C 220 -7.07 6.43 -17.29
C THR C 220 -8.06 5.52 -16.58
N TRP C 221 -7.76 5.21 -15.32
CA TRP C 221 -8.61 4.39 -14.47
C TRP C 221 -8.91 5.16 -13.21
N GLN C 222 -10.20 5.34 -12.90
CA GLN C 222 -10.64 6.04 -11.70
C GLN C 222 -11.15 5.01 -10.70
N PHE C 223 -10.44 4.86 -9.59
CA PHE C 223 -10.78 3.89 -8.56
C PHE C 223 -11.56 4.62 -7.47
N ASN C 224 -12.78 4.16 -7.23
CA ASN C 224 -13.71 4.80 -6.30
C ASN C 224 -13.82 3.92 -5.06
N PHE C 225 -13.35 4.42 -3.92
CA PHE C 225 -13.23 3.63 -2.71
C PHE C 225 -14.43 3.84 -1.79
N LYS C 226 -14.56 2.94 -0.82
CA LYS C 226 -15.68 2.98 0.12
C LYS C 226 -15.57 4.19 1.04
N PHE C 227 -16.69 4.89 1.21
CA PHE C 227 -16.70 6.09 2.04
C PHE C 227 -18.12 6.34 2.51
N ASN C 228 -18.32 6.36 3.83
CA ASN C 228 -19.62 6.64 4.43
C ASN C 228 -19.64 8.09 4.91
N LEU C 229 -20.61 8.86 4.45
CA LEU C 229 -20.69 10.27 4.81
C LEU C 229 -21.32 10.48 6.18
N THR C 230 -21.69 9.41 6.87
CA THR C 230 -22.25 9.48 8.22
C THR C 230 -21.29 8.98 9.29
N GLU C 231 -20.56 7.90 9.02
CA GLU C 231 -19.68 7.30 10.01
C GLU C 231 -18.22 7.74 9.88
N ASP C 232 -17.87 8.50 8.85
CA ASP C 232 -16.49 8.88 8.60
C ASP C 232 -16.26 10.35 8.92
N MET C 233 -15.00 10.69 9.14
CA MET C 233 -14.60 12.07 9.41
C MET C 233 -14.19 12.75 8.12
N TYR C 234 -14.61 14.00 7.97
CA TYR C 234 -14.34 14.76 6.76
C TYR C 234 -14.45 16.25 7.06
N ALA C 235 -13.90 17.05 6.15
CA ALA C 235 -14.08 18.50 6.18
C ALA C 235 -15.25 18.86 5.29
N GLN C 236 -16.18 19.64 5.82
CA GLN C 236 -17.40 19.96 5.06
C GLN C 236 -17.12 20.77 3.81
N ASP C 237 -16.13 21.67 3.86
CA ASP C 237 -15.77 22.44 2.68
C ASP C 237 -15.17 21.57 1.58
N SER C 238 -14.52 20.47 1.94
CA SER C 238 -14.06 19.51 0.95
C SER C 238 -15.17 18.65 0.38
N ILE C 239 -16.10 18.22 1.22
CA ILE C 239 -17.23 17.41 0.74
C ILE C 239 -18.15 18.25 -0.13
N GLU C 240 -18.34 19.52 0.23
CA GLU C 240 -19.14 20.41 -0.60
C GLU C 240 -18.46 20.65 -1.95
N LEU C 241 -17.14 20.79 -1.95
CA LEU C 241 -16.39 21.03 -3.18
C LEU C 241 -16.25 19.78 -4.02
N LEU C 242 -16.34 18.60 -3.41
CA LEU C 242 -16.32 17.35 -4.16
C LEU C 242 -17.69 16.96 -4.70
N THR C 243 -18.76 17.30 -3.96
CA THR C 243 -20.11 17.05 -4.45
C THR C 243 -20.39 17.85 -5.72
N THR C 244 -19.91 19.10 -5.76
CA THR C 244 -20.11 19.94 -6.94
C THR C 244 -19.42 19.34 -8.16
N SER C 245 -18.24 18.74 -7.97
CA SER C 245 -17.52 18.13 -9.08
C SER C 245 -18.33 16.99 -9.69
N GLY C 246 -19.02 16.21 -8.86
CA GLY C 246 -19.83 15.13 -9.37
C GLY C 246 -19.56 13.80 -8.69
N ILE C 247 -18.91 13.84 -7.53
CA ILE C 247 -18.63 12.61 -6.79
C ILE C 247 -19.92 12.13 -6.15
N GLN C 248 -20.30 10.90 -6.47
CA GLN C 248 -21.53 10.27 -5.96
C GLN C 248 -21.18 9.58 -4.65
N PHE C 249 -21.43 10.26 -3.53
CA PHE C 249 -21.03 9.72 -2.23
C PHE C 249 -21.91 8.57 -1.77
N LYS C 250 -23.12 8.44 -2.33
CA LYS C 250 -23.94 7.28 -2.00
C LYS C 250 -23.48 6.02 -2.71
N LYS C 251 -22.97 6.16 -3.93
CA LYS C 251 -22.38 5.01 -4.62
C LYS C 251 -21.10 4.56 -3.93
N HIS C 252 -20.31 5.50 -3.43
CA HIS C 252 -19.09 5.15 -2.70
C HIS C 252 -19.40 4.32 -1.47
N GLU C 253 -20.46 4.68 -0.74
CA GLU C 253 -20.80 3.96 0.49
C GLU C 253 -21.24 2.54 0.19
N GLU C 254 -22.00 2.33 -0.88
CA GLU C 254 -22.56 1.03 -1.20
C GLU C 254 -21.71 0.22 -2.16
N GLU C 255 -21.15 0.85 -3.20
CA GLU C 255 -20.45 0.13 -4.26
C GLU C 255 -18.98 0.50 -4.35
N GLY C 256 -18.38 1.01 -3.27
CA GLY C 256 -16.99 1.40 -3.31
C GLY C 256 -16.05 0.24 -3.11
N ILE C 257 -14.77 0.51 -3.38
CA ILE C 257 -13.70 -0.47 -3.24
C ILE C 257 -13.15 -0.40 -1.82
N GLU C 258 -12.72 -1.55 -1.31
CA GLU C 258 -11.95 -1.58 -0.07
C GLU C 258 -10.48 -1.36 -0.37
N THR C 259 -9.84 -0.46 0.38
CA THR C 259 -8.45 -0.12 0.11
C THR C 259 -7.51 -1.28 0.43
N GLN C 260 -7.91 -2.19 1.32
CA GLN C 260 -7.05 -3.32 1.64
C GLN C 260 -7.06 -4.35 0.52
N TYR C 261 -8.20 -4.53 -0.14
CA TYR C 261 -8.25 -5.43 -1.28
C TYR C 261 -7.61 -4.81 -2.51
N PHE C 262 -7.72 -3.49 -2.67
CA PHE C 262 -7.06 -2.81 -3.77
C PHE C 262 -5.55 -2.88 -3.65
N ALA C 263 -5.02 -2.69 -2.44
CA ALA C 263 -3.58 -2.72 -2.24
C ALA C 263 -3.01 -4.12 -2.47
N GLU C 264 -3.76 -5.15 -2.10
CA GLU C 264 -3.35 -6.52 -2.39
C GLU C 264 -3.26 -6.77 -3.88
N LEU C 265 -4.24 -6.26 -4.64
CA LEU C 265 -4.21 -6.42 -6.09
C LEU C 265 -3.11 -5.57 -6.72
N LEU C 266 -2.87 -4.38 -6.19
CA LEU C 266 -1.86 -3.49 -6.75
C LEU C 266 -0.45 -3.92 -6.42
N MET C 267 -0.26 -4.71 -5.35
CA MET C 267 1.08 -5.11 -4.96
C MET C 267 1.73 -6.00 -6.01
N THR C 268 0.96 -6.91 -6.62
CA THR C 268 1.49 -7.89 -7.56
C THR C 268 1.20 -7.53 -9.02
N SER C 269 0.77 -6.30 -9.30
CA SER C 269 0.42 -5.92 -10.66
C SER C 269 1.61 -5.45 -11.47
N GLY C 270 2.70 -5.04 -10.83
CA GLY C 270 3.84 -4.48 -11.53
C GLY C 270 3.86 -2.97 -11.58
N VAL C 271 2.88 -2.30 -10.97
CA VAL C 271 2.85 -0.85 -10.98
C VAL C 271 3.70 -0.27 -9.86
N VAL C 272 3.91 -1.03 -8.78
CA VAL C 272 4.74 -0.61 -7.67
C VAL C 272 5.83 -1.66 -7.45
N LEU C 273 6.89 -1.23 -6.76
CA LEU C 273 8.02 -2.09 -6.36
C LEU C 273 8.77 -2.67 -7.55
N CYS C 274 8.60 -2.11 -8.74
CA CYS C 274 9.20 -2.64 -9.95
C CYS C 274 10.05 -1.57 -10.62
N GLU C 275 11.19 -1.99 -11.16
CA GLU C 275 12.08 -1.07 -11.85
C GLU C 275 11.53 -0.71 -13.22
N GLY C 276 11.85 0.51 -13.66
CA GLY C 276 11.43 1.01 -14.95
C GLY C 276 10.16 1.82 -14.94
N VAL C 277 9.41 1.81 -13.84
CA VAL C 277 8.15 2.55 -13.73
C VAL C 277 8.44 3.92 -13.16
N LYS C 278 7.98 4.96 -13.85
CA LYS C 278 8.16 6.34 -13.44
C LYS C 278 6.80 6.92 -13.07
N TRP C 279 6.74 7.56 -11.90
CA TRP C 279 5.49 8.10 -11.38
C TRP C 279 5.51 9.62 -11.50
N LEU C 280 4.49 10.16 -12.16
CA LEU C 280 4.32 11.60 -12.31
C LEU C 280 3.22 12.07 -11.37
N SER C 281 3.39 13.28 -10.82
CA SER C 281 2.44 13.79 -9.86
C SER C 281 2.53 15.31 -9.82
N PHE C 282 1.61 15.91 -9.08
CA PHE C 282 1.51 17.37 -8.96
C PHE C 282 1.11 17.67 -7.52
N HIS C 283 2.04 18.18 -6.72
CA HIS C 283 1.80 18.52 -5.32
C HIS C 283 1.26 17.31 -4.56
N SER C 284 2.08 16.27 -4.50
CA SER C 284 1.64 14.94 -4.12
C SER C 284 2.11 14.53 -2.72
N GLY C 285 2.24 15.48 -1.79
CA GLY C 285 2.53 15.11 -0.42
C GLY C 285 1.42 14.28 0.20
N TYR C 286 0.18 14.73 0.05
CA TYR C 286 -0.95 13.98 0.58
C TYR C 286 -1.29 12.77 -0.29
N ASP C 287 -1.06 12.87 -1.60
CA ASP C 287 -1.42 11.78 -2.51
C ASP C 287 -0.59 10.53 -2.23
N PHE C 288 0.71 10.70 -2.01
CA PHE C 288 1.57 9.56 -1.71
C PHE C 288 1.48 9.10 -0.26
N GLY C 289 1.06 9.98 0.65
CA GLY C 289 0.84 9.55 2.02
C GLY C 289 -0.32 8.58 2.14
N TYR C 290 -1.40 8.83 1.39
CA TYR C 290 -2.53 7.90 1.38
C TYR C 290 -2.19 6.60 0.66
N LEU C 291 -1.38 6.68 -0.40
CA LEU C 291 -0.94 5.47 -1.08
C LEU C 291 -0.07 4.60 -0.18
N ILE C 292 0.88 5.21 0.53
CA ILE C 292 1.72 4.47 1.46
C ILE C 292 0.89 3.91 2.61
N LYS C 293 -0.13 4.66 3.04
CA LYS C 293 -0.97 4.19 4.15
C LYS C 293 -1.69 2.89 3.80
N ILE C 294 -2.19 2.78 2.58
CA ILE C 294 -2.89 1.58 2.18
C ILE C 294 -1.93 0.49 1.69
N LEU C 295 -0.77 0.86 1.17
CA LEU C 295 0.19 -0.13 0.70
C LEU C 295 0.93 -0.79 1.85
N THR C 296 1.13 -0.08 2.97
CA THR C 296 1.78 -0.65 4.13
C THR C 296 0.79 -1.18 5.17
N ASN C 297 -0.48 -0.81 5.07
CA ASN C 297 -1.52 -1.25 6.01
C ASN C 297 -1.17 -0.88 7.44
N SER C 298 -0.57 0.29 7.62
CA SER C 298 -0.21 0.78 8.94
C SER C 298 -0.09 2.29 8.87
N ASN C 299 0.17 2.90 10.03
CA ASN C 299 0.30 4.34 10.12
C ASN C 299 1.60 4.80 9.47
N LEU C 300 1.66 6.09 9.16
CA LEU C 300 2.85 6.67 8.55
C LEU C 300 3.99 6.69 9.58
N PRO C 301 5.23 6.56 9.13
CA PRO C 301 6.36 6.59 10.06
C PRO C 301 6.42 7.91 10.82
N GLU C 302 6.85 7.81 12.09
CA GLU C 302 6.91 8.99 12.95
C GLU C 302 7.95 9.98 12.48
N GLU C 303 8.98 9.52 11.78
CA GLU C 303 10.03 10.37 11.26
C GLU C 303 9.90 10.51 9.75
N GLU C 304 10.24 11.70 9.25
CA GLU C 304 10.19 11.94 7.81
C GLU C 304 11.25 11.16 7.08
N LEU C 305 12.35 10.80 7.75
CA LEU C 305 13.40 10.01 7.13
C LEU C 305 12.88 8.63 6.76
N ASP C 306 12.13 7.99 7.65
CA ASP C 306 11.61 6.65 7.38
C ASP C 306 10.44 6.67 6.41
N PHE C 307 9.72 7.79 6.30
CA PHE C 307 8.67 7.89 5.30
C PHE C 307 9.24 7.83 3.89
N PHE C 308 10.34 8.54 3.66
CA PHE C 308 10.95 8.54 2.34
C PHE C 308 11.70 7.24 2.06
N GLU C 309 12.21 6.59 3.09
CA GLU C 309 12.90 5.31 2.89
C GLU C 309 11.95 4.25 2.34
N ILE C 310 10.73 4.19 2.89
CA ILE C 310 9.73 3.26 2.36
C ILE C 310 9.07 3.79 1.11
N LEU C 311 9.18 5.10 0.83
CA LEU C 311 8.63 5.65 -0.40
C LEU C 311 9.49 5.28 -1.61
N ARG C 312 10.81 5.31 -1.46
CA ARG C 312 11.71 4.91 -2.55
C ARG C 312 11.65 3.43 -2.86
N LEU C 313 11.02 2.63 -2.01
CA LEU C 313 10.89 1.19 -2.29
C LEU C 313 9.68 0.92 -3.17
N PHE C 314 8.53 1.47 -2.81
CA PHE C 314 7.34 1.29 -3.64
C PHE C 314 7.43 2.12 -4.91
N PHE C 315 7.97 3.34 -4.83
CA PHE C 315 8.05 4.26 -5.95
C PHE C 315 9.50 4.72 -6.10
N PRO C 316 10.35 3.92 -6.76
CA PRO C 316 11.75 4.31 -6.92
C PRO C 316 11.93 5.64 -7.65
N VAL C 317 11.09 5.94 -8.63
CA VAL C 317 11.16 7.19 -9.39
C VAL C 317 9.85 7.94 -9.21
N ILE C 318 9.95 9.20 -8.79
CA ILE C 318 8.80 10.08 -8.63
C ILE C 318 9.16 11.43 -9.23
N TYR C 319 8.30 11.94 -10.13
CA TYR C 319 8.44 13.28 -10.67
C TYR C 319 7.26 14.11 -10.22
N ASP C 320 7.51 15.11 -9.39
CA ASP C 320 6.49 16.06 -8.98
C ASP C 320 6.53 17.24 -9.93
N VAL C 321 5.45 17.43 -10.70
CA VAL C 321 5.42 18.51 -11.69
C VAL C 321 5.46 19.87 -11.01
N LYS C 322 4.83 19.99 -9.84
CA LYS C 322 4.90 21.26 -9.11
C LYS C 322 6.30 21.58 -8.61
N TYR C 323 7.07 20.56 -8.23
CA TYR C 323 8.45 20.79 -7.83
C TYR C 323 9.32 21.15 -9.03
N LEU C 324 9.06 20.53 -10.17
CA LEU C 324 9.82 20.84 -11.38
C LEU C 324 9.51 22.23 -11.92
N MET C 325 8.35 22.79 -11.58
CA MET C 325 7.96 24.10 -12.07
C MET C 325 8.79 25.23 -11.48
N LYS C 326 9.47 24.98 -10.36
CA LYS C 326 10.30 26.01 -9.76
C LYS C 326 11.47 26.39 -10.65
N SER C 327 11.93 25.45 -11.47
CA SER C 327 13.00 25.70 -12.44
C SER C 327 12.45 26.05 -13.82
N CYS C 328 11.13 26.15 -13.96
CA CYS C 328 10.47 26.46 -15.22
C CYS C 328 10.00 27.90 -15.17
N LYS C 329 10.42 28.69 -16.15
CA LYS C 329 10.15 30.12 -16.12
C LYS C 329 8.66 30.41 -16.39
N ASN C 330 8.07 31.23 -15.52
CA ASN C 330 6.71 31.76 -15.61
C ASN C 330 5.63 30.73 -15.35
N LEU C 331 5.96 29.51 -14.92
CA LEU C 331 4.96 28.51 -14.57
C LEU C 331 4.65 28.61 -13.09
N LYS C 332 3.44 29.09 -12.78
CA LYS C 332 2.99 29.20 -11.40
C LYS C 332 1.52 28.82 -11.32
N GLY C 333 1.08 28.46 -10.13
CA GLY C 333 -0.33 28.20 -9.86
C GLY C 333 -0.60 26.73 -9.59
N GLY C 334 -1.89 26.41 -9.57
CA GLY C 334 -2.33 25.05 -9.38
C GLY C 334 -2.35 24.27 -10.69
N LEU C 335 -2.97 23.09 -10.63
CA LEU C 335 -3.00 22.22 -11.80
C LEU C 335 -3.76 22.85 -12.95
N GLN C 336 -4.95 23.40 -12.67
CA GLN C 336 -5.73 24.04 -13.73
C GLN C 336 -5.09 25.34 -14.18
N GLU C 337 -4.54 26.11 -13.25
CA GLU C 337 -3.91 27.37 -13.62
C GLU C 337 -2.69 27.14 -14.50
N VAL C 338 -1.87 26.13 -14.17
CA VAL C 338 -0.66 25.89 -14.95
C VAL C 338 -0.99 25.19 -16.27
N ALA C 339 -2.06 24.43 -16.34
CA ALA C 339 -2.46 23.82 -17.61
C ALA C 339 -3.38 24.77 -18.39
N GLU C 340 -2.97 26.04 -18.42
CA GLU C 340 -3.45 27.03 -19.36
C GLU C 340 -2.33 27.90 -19.89
N GLN C 341 -1.17 27.93 -19.24
CA GLN C 341 0.04 28.47 -19.83
C GLN C 341 0.63 27.50 -20.83
N LEU C 342 0.50 26.20 -20.55
CA LEU C 342 0.91 25.14 -21.47
C LEU C 342 -0.13 24.86 -22.53
N GLU C 343 -1.33 25.44 -22.41
CA GLU C 343 -2.41 25.29 -23.38
C GLU C 343 -2.82 23.82 -23.53
N LEU C 344 -3.26 23.25 -22.42
CA LEU C 344 -3.78 21.89 -22.38
C LEU C 344 -5.29 21.92 -22.18
N GLU C 345 -6.01 21.13 -22.97
CA GLU C 345 -7.45 21.04 -22.88
C GLU C 345 -7.82 19.81 -22.06
N ARG C 346 -8.58 20.02 -20.99
CA ARG C 346 -8.90 18.95 -20.06
C ARG C 346 -9.90 17.98 -20.66
N ILE C 347 -9.74 16.71 -20.33
CA ILE C 347 -10.68 15.65 -20.69
C ILE C 347 -11.27 15.10 -19.40
N GLY C 348 -12.59 15.16 -19.28
CA GLY C 348 -13.26 14.68 -18.10
C GLY C 348 -13.64 15.79 -17.14
N PRO C 349 -14.45 15.46 -16.13
CA PRO C 349 -14.88 16.47 -15.16
C PRO C 349 -13.75 16.92 -14.26
N GLN C 350 -13.81 18.20 -13.88
CA GLN C 350 -12.76 18.81 -13.08
C GLN C 350 -12.81 18.31 -11.64
N HIS C 351 -11.67 18.40 -10.96
CA HIS C 351 -11.53 18.06 -9.55
C HIS C 351 -11.91 16.61 -9.27
N GLN C 352 -11.67 15.73 -10.23
CA GLN C 352 -11.82 14.30 -10.05
C GLN C 352 -10.51 13.62 -10.42
N ALA C 353 -10.24 12.50 -9.76
CA ALA C 353 -8.90 11.91 -9.81
C ALA C 353 -8.51 11.47 -11.22
N GLY C 354 -9.46 10.91 -11.96
CA GLY C 354 -9.15 10.45 -13.31
C GLY C 354 -8.76 11.56 -14.26
N SER C 355 -9.53 12.65 -14.26
CA SER C 355 -9.24 13.75 -15.18
C SER C 355 -8.04 14.57 -14.71
N ASP C 356 -7.86 14.69 -13.39
CA ASP C 356 -6.71 15.44 -12.88
C ASP C 356 -5.41 14.69 -13.13
N SER C 357 -5.43 13.36 -12.98
CA SER C 357 -4.25 12.56 -13.29
C SER C 357 -3.91 12.63 -14.76
N LEU C 358 -4.93 12.61 -15.63
CA LEU C 358 -4.69 12.76 -17.06
C LEU C 358 -4.09 14.12 -17.37
N LEU C 359 -4.57 15.18 -16.70
CA LEU C 359 -4.02 16.51 -16.92
C LEU C 359 -2.56 16.58 -16.45
N THR C 360 -2.22 15.87 -15.38
CA THR C 360 -0.84 15.84 -14.91
C THR C 360 0.08 15.20 -15.94
N GLY C 361 -0.39 14.14 -16.60
CA GLY C 361 0.43 13.49 -17.62
C GLY C 361 0.73 14.38 -18.81
N MET C 362 -0.28 15.12 -19.29
CA MET C 362 -0.04 16.06 -20.38
C MET C 362 0.79 17.24 -19.91
N ALA C 363 0.65 17.64 -18.65
CA ALA C 363 1.46 18.73 -18.13
C ALA C 363 2.94 18.36 -18.07
N PHE C 364 3.25 17.13 -17.65
CA PHE C 364 4.64 16.71 -17.54
C PHE C 364 5.31 16.66 -18.90
N PHE C 365 4.67 16.02 -19.87
CA PHE C 365 5.32 15.80 -21.17
C PHE C 365 5.38 17.08 -21.99
N LYS C 366 4.44 18.01 -21.78
CA LYS C 366 4.54 19.31 -22.43
C LYS C 366 5.62 20.18 -21.78
N MET C 367 5.65 20.19 -20.45
CA MET C 367 6.67 20.97 -19.75
C MET C 367 8.07 20.40 -19.99
N ARG C 368 8.19 19.07 -20.04
CA ARG C 368 9.46 18.44 -20.38
C ARG C 368 9.92 18.78 -21.80
N GLU C 369 8.99 19.12 -22.70
CA GLU C 369 9.35 19.38 -24.08
C GLU C 369 9.88 20.79 -24.28
N MET C 370 9.31 21.77 -23.56
CA MET C 370 9.74 23.15 -23.72
C MET C 370 10.90 23.53 -22.80
N PHE C 371 10.82 23.14 -21.52
CA PHE C 371 11.74 23.64 -20.52
C PHE C 371 12.89 22.69 -20.21
N PHE C 372 12.69 21.39 -20.33
CA PHE C 372 13.70 20.41 -19.94
C PHE C 372 14.33 19.70 -21.12
N GLU C 373 13.99 20.11 -22.35
CA GLU C 373 14.62 19.59 -23.57
C GLU C 373 14.51 18.06 -23.65
N ASP C 374 13.31 17.54 -23.36
CA ASP C 374 12.99 16.12 -23.51
C ASP C 374 13.89 15.23 -22.65
N HIS C 375 14.38 15.75 -21.54
CA HIS C 375 15.18 14.95 -20.62
C HIS C 375 15.08 15.55 -19.23
N ILE C 376 14.85 14.70 -18.23
CA ILE C 376 14.67 15.13 -16.86
C ILE C 376 15.81 14.53 -16.04
N ASP C 377 16.57 15.38 -15.36
CA ASP C 377 17.66 14.90 -14.52
C ASP C 377 17.10 14.11 -13.35
N ASP C 378 17.62 12.90 -13.14
CA ASP C 378 17.18 12.07 -12.03
C ASP C 378 17.88 12.42 -10.73
N ALA C 379 19.07 13.02 -10.80
CA ALA C 379 19.81 13.40 -9.60
C ALA C 379 19.35 14.73 -9.02
N LYS C 380 18.48 15.44 -9.71
CA LYS C 380 18.03 16.77 -9.28
C LYS C 380 16.55 16.85 -8.98
N TYR C 381 15.72 16.06 -9.66
CA TYR C 381 14.27 16.19 -9.54
C TYR C 381 13.54 14.93 -9.13
N CYS C 382 14.19 13.77 -9.16
CA CYS C 382 13.51 12.52 -8.84
C CYS C 382 13.38 12.36 -7.33
N GLY C 383 12.18 11.97 -6.88
CA GLY C 383 11.93 11.69 -5.50
C GLY C 383 11.54 12.89 -4.66
N HIS C 384 11.71 14.10 -5.17
CA HIS C 384 11.37 15.30 -4.43
C HIS C 384 9.87 15.57 -4.53
N LEU C 385 9.21 15.68 -3.39
CA LEU C 385 7.81 16.09 -3.33
C LEU C 385 7.73 17.56 -2.94
N TYR C 386 6.70 18.24 -3.42
CA TYR C 386 6.55 19.65 -3.12
C TYR C 386 6.16 19.85 -1.66
N GLY C 387 6.89 20.72 -0.97
CA GLY C 387 6.68 21.01 0.43
C GLY C 387 7.42 20.10 1.38
N LEU C 388 7.50 18.81 1.05
CA LEU C 388 8.13 17.83 1.90
C LEU C 388 9.62 17.76 1.60
N GLY C 389 10.45 17.90 2.64
CA GLY C 389 11.88 17.85 2.49
C GLY C 389 12.60 19.06 3.05
MG MG D . -7.78 15.89 -7.81
#